data_8IGI
#
_entry.id   8IGI
#
_cell.length_a   72.096
_cell.length_b   71.909
_cell.length_c   108.033
_cell.angle_alpha   90.00
_cell.angle_beta   90.00
_cell.angle_gamma   90.00
#
_symmetry.space_group_name_H-M   'P 21 21 21'
#
loop_
_entity.id
_entity.type
_entity.pdbx_description
1 polymer 'Exodeoxyribonuclease (LexA)'
2 non-polymer 'MANGANESE (II) ION'
3 non-polymer 1,3-BUTANEDIOL
4 water water
#
_entity_poly.entity_id   1
_entity_poly.type   'polypeptide(L)'
_entity_poly.pdbx_seq_one_letter_code
;FMKLISWNVNGLRACMTKGFMDFFNSVDADVFCIQESKMQQEQNTFEFKGYFDFWNCAIKKGYSGVVTFTKKEPLSVSYG
INMEEHDKEGRVITCEFESFYLVNVYTPNSQQALSRLSYRMSWEVEFKKFLKALELKKPVIVCGDLNVAHNEIDLENPKT
NRKNAGFSDEEREKFSELLNAGFIDTFRYFYPNKEKAYTWWSYMQQARDKNIGWRIDYFLCSNPLKTRLKDALIYKDILG
SDHCPVGLELV
;
_entity_poly.pdbx_strand_id   A,B
#
# COMPACT_ATOMS: atom_id res chain seq x y z
N PHE A 1 17.67 6.73 -0.11
CA PHE A 1 16.89 6.59 1.10
C PHE A 1 17.57 5.63 2.08
N MET A 2 17.01 5.47 3.27
CA MET A 2 17.55 4.53 4.21
C MET A 2 16.50 3.48 4.53
N LYS A 3 16.95 2.26 4.80
CA LYS A 3 16.07 1.13 5.02
C LYS A 3 16.37 0.59 6.42
N LEU A 4 15.35 0.58 7.28
CA LEU A 4 15.47 0.09 8.65
C LEU A 4 14.66 -1.19 8.78
N ILE A 5 15.22 -2.18 9.46
CA ILE A 5 14.60 -3.50 9.61
C ILE A 5 14.54 -3.85 11.10
N SER A 6 13.50 -4.58 11.49
CA SER A 6 13.36 -5.04 12.86
C SER A 6 12.80 -6.45 12.85
N TRP A 7 13.31 -7.31 13.72
CA TRP A 7 12.88 -8.71 13.68
C TRP A 7 13.02 -9.33 15.05
N ASN A 8 11.92 -9.83 15.59
CA ASN A 8 12.00 -10.71 16.76
C ASN A 8 12.38 -12.08 16.27
N VAL A 9 13.61 -12.52 16.56
CA VAL A 9 14.17 -13.72 15.95
C VAL A 9 13.90 -14.99 16.76
N ASN A 10 13.25 -14.88 17.91
CA ASN A 10 12.94 -16.05 18.77
C ASN A 10 14.19 -16.89 19.04
N GLY A 11 15.25 -16.23 19.49
CA GLY A 11 16.53 -16.88 19.71
C GLY A 11 17.48 -16.77 18.51
N LEU A 12 18.56 -15.99 18.65
CA LEU A 12 19.41 -15.77 17.48
C LEU A 12 20.10 -17.06 17.03
N ARG A 13 20.55 -17.89 17.97
CA ARG A 13 21.21 -19.12 17.57
C ARG A 13 20.25 -20.00 16.78
N ALA A 14 19.02 -20.15 17.28
CA ALA A 14 18.00 -20.89 16.53
C ALA A 14 17.76 -20.28 15.17
N CYS A 15 17.58 -18.95 15.12
CA CYS A 15 17.25 -18.31 13.84
C CYS A 15 18.42 -18.43 12.85
N MET A 16 19.66 -18.43 13.34
CA MET A 16 20.79 -18.61 12.46
C MET A 16 20.75 -19.98 11.77
N THR A 17 20.37 -21.03 12.51
CA THR A 17 20.26 -22.31 11.85
C THR A 17 19.10 -22.37 10.85
N LYS A 18 18.22 -21.36 10.85
CA LYS A 18 17.08 -21.33 9.96
C LYS A 18 17.18 -20.20 8.94
N GLY A 19 18.39 -19.71 8.71
CA GLY A 19 18.64 -18.80 7.62
C GLY A 19 18.74 -17.34 7.97
N PHE A 20 18.89 -16.98 9.26
CA PHE A 20 18.94 -15.56 9.61
C PHE A 20 19.91 -14.80 8.72
N MET A 21 21.15 -15.29 8.65
CA MET A 21 22.19 -14.52 7.97
C MET A 21 21.87 -14.34 6.50
N ASP A 22 21.12 -15.28 5.91
CA ASP A 22 20.73 -15.15 4.52
C ASP A 22 19.85 -13.91 4.32
N PHE A 23 18.88 -13.71 5.21
CA PHE A 23 18.02 -12.52 5.09
C PHE A 23 18.79 -11.25 5.45
N PHE A 24 19.62 -11.31 6.50
CA PHE A 24 20.43 -10.17 6.89
C PHE A 24 21.27 -9.69 5.72
N ASN A 25 22.00 -10.61 5.08
CA ASN A 25 22.83 -10.24 3.94
C ASN A 25 21.98 -9.76 2.78
N SER A 26 20.83 -10.37 2.56
CA SER A 26 20.03 -10.07 1.39
C SER A 26 19.36 -8.71 1.48
N VAL A 27 18.87 -8.33 2.66
CA VAL A 27 18.11 -7.08 2.77
C VAL A 27 19.01 -5.85 2.87
N ASP A 28 20.25 -6.01 3.32
CA ASP A 28 21.25 -4.96 3.27
C ASP A 28 20.73 -3.68 3.94
N ALA A 29 20.27 -3.82 5.18
CA ALA A 29 19.67 -2.70 5.90
C ALA A 29 20.71 -1.70 6.37
N ASP A 30 20.30 -0.42 6.40
CA ASP A 30 21.14 0.59 7.05
C ASP A 30 21.18 0.38 8.56
N VAL A 31 20.05 -0.02 9.15
CA VAL A 31 20.01 -0.44 10.55
C VAL A 31 19.11 -1.67 10.62
N PHE A 32 19.56 -2.69 11.33
CA PHE A 32 18.84 -3.95 11.47
C PHE A 32 18.78 -4.22 12.97
N CYS A 33 17.56 -4.27 13.52
CA CYS A 33 17.35 -4.48 14.96
C CYS A 33 16.76 -5.86 15.17
N ILE A 34 17.18 -6.55 16.24
CA ILE A 34 16.59 -7.82 16.60
C ILE A 34 16.19 -7.82 18.07
N GLN A 35 15.20 -8.66 18.37
CA GLN A 35 14.71 -8.88 19.71
C GLN A 35 14.67 -10.38 19.98
N GLU A 36 14.80 -10.72 21.26
CA GLU A 36 14.90 -12.12 21.71
C GLU A 36 16.15 -12.79 21.15
N SER A 37 17.30 -12.13 21.33
CA SER A 37 18.54 -12.81 20.98
C SER A 37 18.72 -14.07 21.81
N LYS A 38 18.28 -14.03 23.07
CA LYS A 38 18.40 -15.14 24.01
C LYS A 38 19.86 -15.55 24.18
N MET A 39 20.81 -14.63 24.00
CA MET A 39 22.21 -14.99 24.14
C MET A 39 23.01 -13.79 24.62
N GLN A 40 24.20 -14.08 25.15
CA GLN A 40 25.11 -13.06 25.62
C GLN A 40 26.09 -12.67 24.51
N GLN A 41 26.48 -11.40 24.48
CA GLN A 41 27.39 -10.95 23.43
C GLN A 41 28.69 -11.72 23.46
N GLU A 42 29.17 -12.01 24.67
CA GLU A 42 30.43 -12.73 24.81
C GLU A 42 30.43 -14.05 24.06
N GLN A 43 29.27 -14.70 23.96
CA GLN A 43 29.18 -15.98 23.27
C GLN A 43 28.82 -15.83 21.80
N ASN A 44 28.81 -14.63 21.27
CA ASN A 44 28.50 -14.45 19.86
C ASN A 44 29.66 -14.92 18.99
N THR A 45 29.34 -15.75 18.01
CA THR A 45 30.30 -16.26 17.04
C THR A 45 30.01 -15.72 15.65
N PHE A 46 28.92 -15.00 15.46
CA PHE A 46 28.46 -14.60 14.14
C PHE A 46 29.11 -13.28 13.74
N GLU A 47 29.34 -13.13 12.45
CA GLU A 47 29.96 -11.94 11.91
C GLU A 47 28.93 -11.16 11.12
N PHE A 48 28.83 -9.85 11.40
CA PHE A 48 27.90 -8.98 10.70
C PHE A 48 28.75 -7.94 9.97
N LYS A 49 29.35 -8.34 8.86
CA LYS A 49 30.43 -7.53 8.31
C LYS A 49 29.87 -6.20 7.79
N GLY A 50 30.55 -5.12 8.16
CA GLY A 50 30.16 -3.78 7.78
C GLY A 50 29.27 -3.07 8.76
N TYR A 51 28.94 -3.69 9.90
CA TYR A 51 28.03 -3.14 10.89
C TYR A 51 28.72 -2.97 12.23
N PHE A 52 28.36 -1.89 12.92
CA PHE A 52 28.51 -1.82 14.37
C PHE A 52 27.41 -2.65 14.99
N ASP A 53 27.74 -3.39 16.05
CA ASP A 53 26.75 -4.19 16.77
C ASP A 53 26.73 -3.82 18.24
N PHE A 54 25.54 -3.50 18.76
CA PHE A 54 25.36 -3.11 20.16
C PHE A 54 24.34 -4.05 20.79
N TRP A 55 24.74 -4.66 21.90
CA TRP A 55 23.98 -5.73 22.55
C TRP A 55 23.47 -5.28 23.90
N ASN A 56 22.26 -5.73 24.24
CA ASN A 56 21.70 -5.56 25.58
C ASN A 56 21.17 -6.91 26.03
N CYS A 57 21.81 -7.51 27.03
CA CYS A 57 21.49 -8.86 27.44
C CYS A 57 20.85 -8.87 28.82
N ALA A 58 19.91 -9.77 29.00
CA ALA A 58 19.21 -9.92 30.27
C ALA A 58 20.13 -10.53 31.32
N ILE A 59 19.83 -10.25 32.59
CA ILE A 59 20.53 -10.95 33.68
C ILE A 59 20.21 -12.44 33.63
N LYS A 60 18.93 -12.77 33.47
CA LYS A 60 18.51 -14.15 33.32
C LYS A 60 19.07 -14.73 32.02
N LYS A 61 19.65 -15.93 32.12
CA LYS A 61 20.27 -16.54 30.96
C LYS A 61 19.22 -17.06 29.98
N GLY A 62 19.54 -16.95 28.68
CA GLY A 62 18.67 -17.45 27.64
C GLY A 62 17.31 -16.79 27.59
N TYR A 63 17.23 -15.52 27.96
CA TYR A 63 15.96 -14.82 28.09
C TYR A 63 16.07 -13.47 27.44
N SER A 64 15.07 -13.12 26.62
CA SER A 64 14.98 -11.76 26.07
C SER A 64 16.28 -11.37 25.37
N GLY A 65 16.67 -10.10 25.45
CA GLY A 65 17.89 -9.63 24.80
C GLY A 65 17.63 -8.97 23.45
N VAL A 66 18.25 -7.81 23.20
CA VAL A 66 18.08 -7.13 21.92
C VAL A 66 19.46 -6.76 21.40
N VAL A 67 19.54 -6.56 20.08
CA VAL A 67 20.78 -6.15 19.43
C VAL A 67 20.42 -5.17 18.34
N THR A 68 21.23 -4.12 18.18
CA THR A 68 21.11 -3.20 17.06
C THR A 68 22.38 -3.28 16.21
N PHE A 69 22.20 -3.53 14.92
CA PHE A 69 23.28 -3.48 13.95
C PHE A 69 23.10 -2.24 13.10
N THR A 70 24.14 -1.41 13.00
CA THR A 70 24.02 -0.20 12.20
C THR A 70 25.28 0.02 11.37
N LYS A 71 25.09 0.36 10.09
CA LYS A 71 26.24 0.69 9.24
C LYS A 71 26.89 1.99 9.68
N LYS A 72 26.08 3.01 9.97
CA LYS A 72 26.61 4.29 10.39
C LYS A 72 26.91 4.27 11.87
N GLU A 73 28.03 4.89 12.24
CA GLU A 73 28.36 5.00 13.66
C GLU A 73 27.35 5.91 14.34
N PRO A 74 26.74 5.50 15.45
CA PRO A 74 25.87 6.43 16.17
C PRO A 74 26.66 7.56 16.82
N LEU A 75 25.97 8.69 17.03
CA LEU A 75 26.52 9.77 17.84
C LEU A 75 26.61 9.40 19.33
N SER A 76 25.73 8.50 19.79
CA SER A 76 25.72 7.99 21.16
C SER A 76 24.85 6.75 21.17
N VAL A 77 25.03 5.91 22.20
CA VAL A 77 24.16 4.73 22.42
C VAL A 77 23.86 4.67 23.91
N SER A 78 22.59 4.41 24.24
CA SER A 78 22.21 4.14 25.62
C SER A 78 21.47 2.82 25.68
N TYR A 79 21.32 2.30 26.89
CA TYR A 79 20.78 0.98 27.14
C TYR A 79 19.71 1.11 28.21
N GLY A 80 18.53 0.56 27.95
CA GLY A 80 17.48 0.66 28.94
C GLY A 80 16.86 2.03 28.97
N ILE A 81 16.06 2.27 30.01
CA ILE A 81 15.35 3.54 30.14
C ILE A 81 15.76 4.29 31.41
N ASN A 82 16.96 4.00 31.91
CA ASN A 82 17.52 4.68 33.07
C ASN A 82 16.66 4.48 34.32
N MET A 83 16.16 3.25 34.51
CA MET A 83 15.41 2.88 35.71
C MET A 83 15.82 1.45 36.04
N GLU A 84 16.55 1.27 37.15
CA GLU A 84 17.10 -0.04 37.46
C GLU A 84 16.04 -1.14 37.43
N GLU A 85 14.83 -0.84 37.93
CA GLU A 85 13.77 -1.83 37.98
C GLU A 85 13.44 -2.39 36.60
N HIS A 86 13.55 -1.56 35.57
CA HIS A 86 13.11 -1.95 34.24
C HIS A 86 14.26 -2.29 33.33
N ASP A 87 15.50 -2.25 33.82
CA ASP A 87 16.68 -2.39 32.98
C ASP A 87 17.43 -3.70 33.23
N LYS A 88 16.74 -4.72 33.69
CA LYS A 88 17.37 -6.00 34.00
C LYS A 88 17.14 -7.07 32.94
N GLU A 89 16.35 -6.78 31.89
CA GLU A 89 15.87 -7.86 31.02
C GLU A 89 16.30 -7.67 29.55
N GLY A 90 17.30 -6.82 29.30
CA GLY A 90 17.87 -6.68 27.98
C GLY A 90 16.84 -6.32 26.92
N ARG A 91 16.13 -5.21 27.10
CA ARG A 91 14.96 -4.93 26.29
C ARG A 91 15.05 -3.70 25.41
N VAL A 92 15.93 -2.73 25.71
CA VAL A 92 15.93 -1.43 25.02
C VAL A 92 17.35 -1.01 24.66
N ILE A 93 17.56 -0.62 23.40
CA ILE A 93 18.78 0.06 22.97
C ILE A 93 18.39 1.29 22.17
N THR A 94 18.99 2.43 22.49
CA THR A 94 18.70 3.68 21.79
C THR A 94 19.97 4.17 21.13
N CYS A 95 19.96 4.24 19.79
CA CYS A 95 21.08 4.78 19.03
C CYS A 95 20.72 6.17 18.54
N GLU A 96 21.58 7.14 18.82
CA GLU A 96 21.34 8.51 18.38
C GLU A 96 21.98 8.69 17.01
N PHE A 97 21.19 9.14 16.05
CA PHE A 97 21.75 9.50 14.76
C PHE A 97 21.62 11.01 14.58
N GLU A 98 22.03 11.51 13.41
CA GLU A 98 22.09 12.97 13.26
C GLU A 98 20.71 13.58 13.45
N SER A 99 19.69 12.99 12.85
CA SER A 99 18.38 13.65 12.82
C SER A 99 17.30 12.91 13.60
N PHE A 100 17.61 11.77 14.21
CA PHE A 100 16.63 11.09 15.04
C PHE A 100 17.32 10.10 15.96
N TYR A 101 16.61 9.73 17.03
CA TYR A 101 16.99 8.58 17.84
C TYR A 101 16.26 7.36 17.28
N LEU A 102 16.94 6.20 17.30
CA LEU A 102 16.33 4.93 16.94
C LEU A 102 16.29 4.05 18.18
N VAL A 103 15.08 3.81 18.71
CA VAL A 103 14.84 3.01 19.91
C VAL A 103 14.42 1.61 19.47
N ASN A 104 15.25 0.62 19.81
CA ASN A 104 14.99 -0.80 19.56
C ASN A 104 14.44 -1.39 20.86
N VAL A 105 13.22 -1.96 20.82
CA VAL A 105 12.58 -2.37 22.07
C VAL A 105 11.95 -3.76 21.93
N TYR A 106 12.09 -4.58 22.96
CA TYR A 106 11.33 -5.82 23.11
C TYR A 106 10.44 -5.64 24.33
N THR A 107 9.14 -5.36 24.09
CA THR A 107 8.21 -5.04 25.17
C THR A 107 7.90 -6.27 26.03
N PRO A 108 7.81 -6.13 27.36
CA PRO A 108 7.45 -7.30 28.19
C PRO A 108 6.09 -7.86 27.82
N ASN A 109 6.06 -9.16 27.59
CA ASN A 109 4.80 -9.87 27.36
C ASN A 109 4.02 -9.95 28.68
N SER A 110 2.70 -9.79 28.58
CA SER A 110 1.85 -9.87 29.77
C SER A 110 1.62 -11.30 30.26
N GLN A 111 2.01 -12.31 29.47
CA GLN A 111 2.05 -13.72 29.87
C GLN A 111 0.67 -14.36 29.89
N GLN A 112 0.63 -15.70 29.93
CA GLN A 112 -0.64 -16.40 29.91
C GLN A 112 -1.49 -15.93 31.09
N ALA A 113 -2.79 -15.77 30.83
CA ALA A 113 -3.76 -15.30 31.82
C ALA A 113 -3.41 -13.90 32.33
N LEU A 114 -2.65 -13.12 31.57
CA LEU A 114 -2.32 -11.74 31.91
C LEU A 114 -1.66 -11.63 33.29
N SER A 115 -0.86 -12.63 33.66
CA SER A 115 -0.29 -12.66 35.00
C SER A 115 0.70 -11.53 35.24
N ARG A 116 1.34 -11.00 34.19
CA ARG A 116 2.29 -9.91 34.33
C ARG A 116 1.71 -8.56 33.86
N LEU A 117 0.39 -8.45 33.77
CA LEU A 117 -0.23 -7.24 33.25
C LEU A 117 0.11 -6.01 34.09
N SER A 118 0.12 -6.16 35.42
CA SER A 118 0.41 -5.00 36.26
C SER A 118 1.81 -4.46 35.99
N TYR A 119 2.80 -5.33 35.87
CA TYR A 119 4.12 -4.85 35.51
C TYR A 119 4.12 -4.22 34.13
N ARG A 120 3.44 -4.85 33.18
CA ARG A 120 3.40 -4.29 31.82
C ARG A 120 2.85 -2.87 31.83
N MET A 121 1.81 -2.62 32.63
CA MET A 121 1.26 -1.28 32.70
C MET A 121 2.30 -0.29 33.20
N SER A 122 3.07 -0.68 34.21
CA SER A 122 4.12 0.19 34.73
C SER A 122 5.19 0.42 33.67
N TRP A 123 5.57 -0.64 32.95
CA TRP A 123 6.49 -0.50 31.83
C TRP A 123 5.98 0.54 30.83
N GLU A 124 4.72 0.42 30.42
CA GLU A 124 4.20 1.34 29.41
C GLU A 124 4.26 2.79 29.89
N VAL A 125 3.92 3.03 31.16
CA VAL A 125 3.97 4.39 31.69
C VAL A 125 5.38 4.97 31.54
N GLU A 126 6.39 4.19 31.93
CA GLU A 126 7.75 4.70 31.94
C GLU A 126 8.34 4.77 30.54
N PHE A 127 8.00 3.80 29.69
CA PHE A 127 8.53 3.81 28.33
C PHE A 127 8.07 5.07 27.59
N LYS A 128 6.78 5.43 27.74
CA LYS A 128 6.27 6.64 27.10
C LYS A 128 7.00 7.87 27.61
N LYS A 129 7.21 7.98 28.94
CA LYS A 129 7.95 9.12 29.46
C LYS A 129 9.37 9.15 28.89
N PHE A 130 10.02 7.99 28.82
CA PHE A 130 11.36 7.89 28.22
C PHE A 130 11.38 8.44 26.79
N LEU A 131 10.41 8.05 25.97
CA LEU A 131 10.39 8.52 24.58
C LEU A 131 10.20 10.03 24.52
N LYS A 132 9.28 10.57 25.32
CA LYS A 132 9.05 12.00 25.29
C LYS A 132 10.30 12.77 25.73
N ALA A 133 11.02 12.24 26.71
CA ALA A 133 12.27 12.89 27.14
C ALA A 133 13.27 12.96 26.00
N LEU A 134 13.41 11.88 25.22
CA LEU A 134 14.27 11.92 24.04
C LEU A 134 13.85 13.02 23.08
N GLU A 135 12.55 13.16 22.85
CA GLU A 135 12.05 14.10 21.87
C GLU A 135 12.39 15.54 22.23
N LEU A 136 12.73 15.81 23.48
CA LEU A 136 13.19 17.15 23.83
C LEU A 136 14.40 17.54 22.98
N LYS A 137 15.21 16.57 22.58
CA LYS A 137 16.39 16.84 21.77
C LYS A 137 16.18 16.56 20.28
N LYS A 138 15.60 15.41 19.92
CA LYS A 138 15.48 14.98 18.53
C LYS A 138 14.25 14.10 18.37
N PRO A 139 13.63 14.06 17.19
CA PRO A 139 12.55 13.10 16.95
C PRO A 139 13.04 11.67 17.12
N VAL A 140 12.07 10.76 17.26
CA VAL A 140 12.33 9.37 17.61
C VAL A 140 11.65 8.42 16.63
N ILE A 141 12.37 7.37 16.24
CA ILE A 141 11.82 6.20 15.56
C ILE A 141 11.92 5.04 16.55
N VAL A 142 10.80 4.35 16.80
CA VAL A 142 10.75 3.17 17.66
C VAL A 142 10.52 1.96 16.77
N CYS A 143 11.25 0.87 17.03
CA CYS A 143 10.94 -0.36 16.31
C CYS A 143 11.06 -1.53 17.26
N GLY A 144 10.24 -2.53 17.03
CA GLY A 144 10.40 -3.77 17.73
C GLY A 144 9.09 -4.49 17.90
N ASP A 145 9.15 -5.46 18.80
CA ASP A 145 8.02 -6.30 19.15
C ASP A 145 7.37 -5.65 20.36
N LEU A 146 6.23 -4.99 20.14
CA LEU A 146 5.58 -4.23 21.20
C LEU A 146 4.51 -5.04 21.93
N ASN A 147 4.30 -6.30 21.53
CA ASN A 147 3.41 -7.18 22.28
C ASN A 147 2.04 -6.54 22.50
N VAL A 148 1.51 -5.92 21.46
CA VAL A 148 0.14 -5.42 21.44
C VAL A 148 -0.35 -5.40 19.99
N ALA A 149 -1.58 -5.88 19.79
CA ALA A 149 -2.32 -5.66 18.55
C ALA A 149 -3.34 -4.56 18.82
N HIS A 150 -3.38 -3.54 17.95
CA HIS A 150 -4.08 -2.32 18.31
C HIS A 150 -5.59 -2.42 18.13
N ASN A 151 -6.05 -2.73 16.92
CA ASN A 151 -7.47 -2.75 16.60
C ASN A 151 -7.84 -4.12 16.06
N GLU A 152 -9.15 -4.32 15.82
CA GLU A 152 -9.59 -5.64 15.37
C GLU A 152 -8.95 -6.04 14.05
N ILE A 153 -8.66 -5.08 13.18
CA ILE A 153 -8.04 -5.41 11.91
C ILE A 153 -6.66 -6.03 12.12
N ASP A 154 -6.06 -5.84 13.30
CA ASP A 154 -4.69 -6.22 13.52
C ASP A 154 -4.50 -7.67 13.98
N LEU A 155 -5.57 -8.45 14.08
CA LEU A 155 -5.40 -9.87 14.40
C LEU A 155 -6.59 -10.66 13.89
N GLU A 156 -6.39 -11.97 13.74
CA GLU A 156 -7.35 -12.80 13.01
C GLU A 156 -8.64 -13.04 13.79
N ASN A 157 -8.58 -13.25 15.10
CA ASN A 157 -9.81 -13.58 15.84
C ASN A 157 -9.98 -12.59 16.99
N PRO A 158 -10.32 -11.33 16.67
CA PRO A 158 -10.35 -10.31 17.73
C PRO A 158 -11.29 -10.65 18.89
N LYS A 159 -12.51 -11.08 18.58
CA LYS A 159 -13.52 -11.20 19.62
C LYS A 159 -13.25 -12.34 20.58
N THR A 160 -12.38 -13.28 20.21
CA THR A 160 -12.06 -14.37 21.12
C THR A 160 -10.75 -14.19 21.83
N ASN A 161 -10.04 -13.07 21.60
CA ASN A 161 -8.69 -12.88 22.14
C ASN A 161 -8.55 -11.71 23.10
N ARG A 162 -9.67 -11.13 23.56
CA ARG A 162 -9.58 -9.93 24.38
C ARG A 162 -9.13 -10.20 25.80
N LYS A 163 -8.96 -11.46 26.19
CA LYS A 163 -8.36 -11.78 27.47
C LYS A 163 -7.01 -12.45 27.29
N ASN A 164 -6.44 -12.41 26.09
CA ASN A 164 -5.12 -12.96 25.85
C ASN A 164 -4.08 -11.85 25.80
N ALA A 165 -2.86 -12.19 26.21
CA ALA A 165 -1.77 -11.24 26.21
C ALA A 165 -1.62 -10.60 24.84
N GLY A 166 -1.55 -9.28 24.83
CA GLY A 166 -1.39 -8.54 23.60
C GLY A 166 -2.68 -7.96 23.05
N PHE A 167 -3.84 -8.41 23.54
CA PHE A 167 -5.08 -7.79 23.07
C PHE A 167 -6.04 -7.46 24.21
N SER A 168 -5.52 -7.32 25.43
CA SER A 168 -6.36 -6.88 26.55
C SER A 168 -6.74 -5.40 26.37
N ASP A 169 -7.89 -5.01 26.92
CA ASP A 169 -8.24 -3.59 26.90
C ASP A 169 -7.11 -2.74 27.46
N GLU A 170 -6.47 -3.22 28.54
CA GLU A 170 -5.41 -2.46 29.20
C GLU A 170 -4.24 -2.22 28.27
N GLU A 171 -3.82 -3.25 27.53
CA GLU A 171 -2.67 -3.07 26.63
C GLU A 171 -3.03 -2.20 25.43
N ARG A 172 -4.20 -2.43 24.85
CA ARG A 172 -4.63 -1.62 23.71
C ARG A 172 -4.70 -0.15 24.09
N GLU A 173 -5.18 0.13 25.30
CA GLU A 173 -5.30 1.51 25.76
C GLU A 173 -3.94 2.18 25.88
N LYS A 174 -2.95 1.48 26.45
CA LYS A 174 -1.63 2.09 26.54
C LYS A 174 -1.05 2.38 25.17
N PHE A 175 -1.27 1.48 24.19
CA PHE A 175 -0.73 1.76 22.85
C PHE A 175 -1.44 2.96 22.22
N SER A 176 -2.76 3.05 22.36
CA SER A 176 -3.46 4.26 21.92
C SER A 176 -2.87 5.49 22.58
N GLU A 177 -2.63 5.43 23.90
CA GLU A 177 -2.10 6.58 24.61
C GLU A 177 -0.69 6.91 24.14
N LEU A 178 0.08 5.89 23.75
CA LEU A 178 1.41 6.15 23.20
C LEU A 178 1.32 6.91 21.90
N LEU A 179 0.40 6.52 21.01
CA LEU A 179 0.24 7.26 19.76
C LEU A 179 -0.31 8.65 20.02
N ASN A 180 -1.28 8.78 20.93
CA ASN A 180 -1.82 10.08 21.28
C ASN A 180 -0.76 11.02 21.83
N ALA A 181 0.36 10.49 22.30
CA ALA A 181 1.46 11.30 22.79
C ALA A 181 2.31 11.87 21.66
N GLY A 182 1.95 11.61 20.41
CA GLY A 182 2.70 12.17 19.30
C GLY A 182 3.41 11.21 18.36
N PHE A 183 3.04 9.92 18.36
CA PHE A 183 3.69 8.93 17.52
C PHE A 183 2.77 8.37 16.44
N ILE A 184 3.36 7.99 15.31
CA ILE A 184 2.66 7.44 14.15
C ILE A 184 2.95 5.94 14.05
N ASP A 185 1.90 5.13 13.88
CA ASP A 185 2.03 3.71 13.54
C ASP A 185 2.30 3.61 12.04
N THR A 186 3.57 3.44 11.64
CA THR A 186 3.91 3.72 10.24
C THR A 186 3.20 2.77 9.27
N PHE A 187 3.06 1.50 9.63
CA PHE A 187 2.38 0.59 8.71
C PHE A 187 0.94 1.03 8.45
N ARG A 188 0.25 1.50 9.49
CA ARG A 188 -1.13 1.95 9.31
C ARG A 188 -1.18 3.36 8.72
N TYR A 189 -0.09 4.11 8.81
CA TYR A 189 -0.04 5.37 8.06
C TYR A 189 -0.16 5.13 6.57
N PHE A 190 0.59 4.15 6.03
CA PHE A 190 0.53 3.85 4.61
C PHE A 190 -0.59 2.89 4.24
N TYR A 191 -0.97 1.97 5.14
CA TYR A 191 -1.86 0.87 4.79
C TYR A 191 -2.99 0.73 5.81
N PRO A 192 -3.77 1.80 5.98
CA PRO A 192 -4.82 1.76 7.00
C PRO A 192 -5.89 0.72 6.77
N ASN A 193 -6.12 0.31 5.52
CA ASN A 193 -7.23 -0.59 5.22
C ASN A 193 -6.77 -2.01 4.93
N LYS A 194 -5.49 -2.32 5.10
CA LYS A 194 -4.97 -3.62 4.70
C LYS A 194 -5.30 -4.68 5.74
N GLU A 195 -6.13 -5.64 5.37
CA GLU A 195 -6.48 -6.74 6.27
C GLU A 195 -5.46 -7.87 6.16
N LYS A 196 -5.42 -8.73 7.18
CA LYS A 196 -4.60 -9.94 7.15
C LYS A 196 -3.11 -9.65 7.11
N ALA A 197 -2.70 -8.47 7.56
CA ALA A 197 -1.28 -8.09 7.63
C ALA A 197 -0.84 -8.39 9.05
N TYR A 198 -0.12 -9.49 9.22
CA TYR A 198 0.28 -9.97 10.53
C TYR A 198 1.80 -10.15 10.57
N THR A 199 2.35 -10.16 11.79
CA THR A 199 3.79 -10.35 11.96
C THR A 199 4.15 -11.49 12.92
N TRP A 200 3.15 -12.15 13.48
CA TRP A 200 3.33 -13.25 14.44
C TRP A 200 2.23 -14.27 14.22
N TRP A 201 2.60 -15.54 14.32
CA TRP A 201 1.67 -16.65 14.20
C TRP A 201 1.96 -17.63 15.33
N SER A 202 0.91 -18.09 16.01
CA SER A 202 1.08 -19.06 17.09
C SER A 202 1.51 -20.40 16.51
N TYR A 203 1.78 -21.37 17.41
CA TYR A 203 2.13 -22.72 17.01
C TYR A 203 0.90 -23.59 16.81
N MET A 204 -0.30 -23.00 16.77
CA MET A 204 -1.46 -23.76 16.35
C MET A 204 -1.19 -24.40 14.99
N GLN A 205 -1.78 -25.57 14.77
CA GLN A 205 -1.46 -26.33 13.56
C GLN A 205 -1.63 -25.48 12.31
N GLN A 206 -0.59 -25.39 11.50
CA GLN A 206 -0.60 -24.65 10.23
C GLN A 206 -1.03 -23.20 10.38
N ALA A 207 -0.90 -22.61 11.57
CA ALA A 207 -1.35 -21.23 11.76
C ALA A 207 -0.72 -20.31 10.73
N ARG A 208 0.58 -20.44 10.51
CA ARG A 208 1.24 -19.50 9.61
C ARG A 208 0.85 -19.76 8.16
N ASP A 209 0.76 -21.04 7.75
CA ASP A 209 0.31 -21.36 6.40
C ASP A 209 -1.07 -20.80 6.13
N LYS A 210 -1.95 -20.83 7.13
CA LYS A 210 -3.28 -20.27 6.99
C LYS A 210 -3.33 -18.78 7.27
N ASN A 211 -2.19 -18.17 7.62
CA ASN A 211 -2.11 -16.77 7.98
C ASN A 211 -3.09 -16.39 9.10
N ILE A 212 -3.19 -17.25 10.12
CA ILE A 212 -3.93 -16.91 11.33
C ILE A 212 -2.90 -16.31 12.29
N GLY A 213 -2.80 -14.98 12.27
CA GLY A 213 -1.72 -14.30 12.98
C GLY A 213 -2.20 -13.01 13.62
N TRP A 214 -1.23 -12.31 14.24
CA TRP A 214 -1.43 -10.98 14.82
C TRP A 214 -0.34 -10.05 14.29
N ARG A 215 -0.66 -8.75 14.24
CA ARG A 215 0.35 -7.72 13.97
C ARG A 215 0.75 -7.11 15.31
N ILE A 216 1.95 -7.47 15.80
CA ILE A 216 2.45 -6.94 17.08
C ILE A 216 3.86 -6.37 16.96
N ASP A 217 4.41 -6.31 15.74
CA ASP A 217 5.71 -5.70 15.49
C ASP A 217 5.54 -4.42 14.70
N TYR A 218 6.32 -3.40 15.01
CA TYR A 218 6.02 -2.05 14.53
C TYR A 218 7.27 -1.25 14.21
N PHE A 219 7.08 -0.22 13.39
CA PHE A 219 7.91 0.99 13.42
C PHE A 219 7.00 2.15 13.77
N LEU A 220 7.35 2.90 14.81
CA LEU A 220 6.66 4.14 15.15
C LEU A 220 7.58 5.31 14.88
N CYS A 221 7.01 6.49 14.60
CA CYS A 221 7.86 7.67 14.54
C CYS A 221 7.15 8.90 15.08
N SER A 222 7.94 9.82 15.65
CA SER A 222 7.42 11.12 16.05
C SER A 222 6.68 11.77 14.89
N ASN A 223 5.61 12.49 15.21
CA ASN A 223 4.81 13.15 14.17
C ASN A 223 5.64 13.93 13.16
N PRO A 224 6.61 14.76 13.57
CA PRO A 224 7.32 15.57 12.57
C PRO A 224 8.12 14.76 11.55
N LEU A 225 8.40 13.48 11.81
CA LEU A 225 9.09 12.66 10.82
C LEU A 225 8.16 12.20 9.70
N LYS A 226 6.87 12.48 9.80
CA LYS A 226 5.93 11.95 8.83
C LYS A 226 6.34 12.26 7.39
N THR A 227 6.81 13.49 7.14
CA THR A 227 7.09 13.87 5.76
C THR A 227 8.33 13.20 5.18
N ARG A 228 9.13 12.52 6.00
CA ARG A 228 10.28 11.80 5.48
C ARG A 228 9.98 10.34 5.15
N LEU A 229 8.84 9.82 5.56
CA LEU A 229 8.56 8.41 5.35
C LEU A 229 8.34 8.09 3.88
N LYS A 230 8.89 6.96 3.45
CA LYS A 230 8.69 6.46 2.10
C LYS A 230 7.83 5.22 2.03
N ASP A 231 8.02 4.25 2.92
CA ASP A 231 7.21 3.04 2.88
C ASP A 231 7.35 2.32 4.22
N ALA A 232 6.41 1.41 4.49
CA ALA A 232 6.43 0.59 5.69
C ALA A 232 6.23 -0.85 5.25
N LEU A 233 7.03 -1.77 5.77
CA LEU A 233 7.13 -3.11 5.20
C LEU A 233 6.80 -4.18 6.23
N ILE A 234 6.20 -5.27 5.75
CA ILE A 234 6.07 -6.53 6.51
C ILE A 234 6.61 -7.64 5.63
N TYR A 235 7.72 -8.27 6.05
CA TYR A 235 8.37 -9.31 5.27
C TYR A 235 7.73 -10.67 5.58
N LYS A 236 6.47 -10.83 5.17
CA LYS A 236 5.68 -11.99 5.60
C LYS A 236 6.26 -13.33 5.14
N ASP A 237 7.12 -13.34 4.13
CA ASP A 237 7.63 -14.59 3.58
C ASP A 237 8.93 -15.05 4.20
N ILE A 238 9.54 -14.27 5.08
CA ILE A 238 10.81 -14.66 5.68
C ILE A 238 10.52 -15.56 6.88
N LEU A 239 11.02 -16.79 6.82
CA LEU A 239 10.83 -17.76 7.88
C LEU A 239 11.99 -17.70 8.85
N GLY A 240 11.96 -18.56 9.86
CA GLY A 240 13.05 -18.68 10.82
C GLY A 240 12.69 -18.26 12.22
N SER A 241 11.50 -17.69 12.42
CA SER A 241 11.02 -17.31 13.74
C SER A 241 9.50 -17.43 13.76
N ASP A 242 8.90 -17.28 14.95
CA ASP A 242 7.44 -17.17 14.99
C ASP A 242 6.97 -15.77 14.63
N HIS A 243 7.87 -14.78 14.54
CA HIS A 243 7.60 -13.46 13.98
C HIS A 243 8.25 -13.36 12.60
N CYS A 244 7.73 -12.47 11.77
CA CYS A 244 8.44 -12.08 10.55
C CYS A 244 9.03 -10.69 10.72
N PRO A 245 10.00 -10.31 9.88
CA PRO A 245 10.58 -8.96 9.98
C PRO A 245 9.59 -7.88 9.57
N VAL A 246 9.81 -6.68 10.10
CA VAL A 246 9.13 -5.48 9.65
C VAL A 246 10.19 -4.45 9.23
N GLY A 247 9.76 -3.45 8.48
CA GLY A 247 10.73 -2.50 7.95
C GLY A 247 10.14 -1.11 7.76
N LEU A 248 11.04 -0.14 7.60
CA LEU A 248 10.64 1.24 7.35
C LEU A 248 11.66 1.83 6.39
N GLU A 249 11.19 2.53 5.37
CA GLU A 249 12.05 3.25 4.44
C GLU A 249 11.73 4.73 4.55
N LEU A 250 12.77 5.56 4.56
CA LEU A 250 12.57 6.99 4.69
C LEU A 250 13.75 7.70 4.05
N VAL A 251 13.56 8.99 3.79
CA VAL A 251 14.66 9.84 3.32
C VAL A 251 14.96 10.93 4.34
N PHE B 1 -9.14 -15.82 -7.53
CA PHE B 1 -9.56 -14.43 -7.72
C PHE B 1 -9.66 -14.04 -9.21
N MET B 2 -10.11 -12.82 -9.48
CA MET B 2 -10.22 -12.36 -10.85
C MET B 2 -9.36 -11.10 -11.03
N LYS B 3 -8.84 -10.94 -12.23
CA LYS B 3 -7.90 -9.87 -12.54
C LYS B 3 -8.49 -9.03 -13.68
N LEU B 4 -8.68 -7.74 -13.43
CA LEU B 4 -9.20 -6.80 -14.41
C LEU B 4 -8.08 -5.84 -14.80
N ILE B 5 -8.00 -5.52 -16.09
CA ILE B 5 -6.96 -4.64 -16.62
C ILE B 5 -7.62 -3.54 -17.45
N SER B 6 -7.03 -2.34 -17.42
CA SER B 6 -7.48 -1.23 -18.23
C SER B 6 -6.26 -0.49 -18.77
N TRP B 7 -6.32 -0.06 -20.05
CA TRP B 7 -5.16 0.55 -20.67
C TRP B 7 -5.60 1.51 -21.77
N ASN B 8 -5.20 2.77 -21.65
CA ASN B 8 -5.33 3.70 -22.77
C ASN B 8 -4.12 3.44 -23.66
N VAL B 9 -4.36 2.84 -24.83
CA VAL B 9 -3.27 2.36 -25.67
C VAL B 9 -2.79 3.41 -26.66
N ASN B 10 -3.39 4.61 -26.67
CA ASN B 10 -3.00 5.66 -27.63
C ASN B 10 -2.94 5.15 -29.07
N GLY B 11 -4.01 4.49 -29.51
CA GLY B 11 -4.04 3.91 -30.83
C GLY B 11 -3.64 2.44 -30.82
N LEU B 12 -4.60 1.55 -31.05
CA LEU B 12 -4.33 0.12 -30.91
C LEU B 12 -3.36 -0.37 -31.98
N ARG B 13 -3.48 0.11 -33.22
CA ARG B 13 -2.55 -0.31 -34.26
C ARG B 13 -1.12 0.08 -33.91
N ALA B 14 -0.94 1.32 -33.44
CA ALA B 14 0.39 1.76 -32.99
C ALA B 14 0.87 0.90 -31.81
N CYS B 15 0.00 0.66 -30.83
CA CYS B 15 0.41 -0.08 -29.64
C CYS B 15 0.77 -1.53 -29.98
N MET B 16 0.13 -2.09 -31.00
CA MET B 16 0.47 -3.44 -31.43
C MET B 16 1.91 -3.51 -31.95
N THR B 17 2.39 -2.47 -32.63
CA THR B 17 3.77 -2.46 -33.07
C THR B 17 4.75 -2.32 -31.92
N LYS B 18 4.28 -2.00 -30.71
CA LYS B 18 5.14 -1.78 -29.55
C LYS B 18 4.87 -2.78 -28.43
N GLY B 19 4.31 -3.95 -28.76
CA GLY B 19 4.24 -5.04 -27.82
C GLY B 19 2.90 -5.25 -27.13
N PHE B 20 1.82 -4.63 -27.63
CA PHE B 20 0.53 -4.81 -26.97
C PHE B 20 0.20 -6.28 -26.74
N MET B 21 0.24 -7.09 -27.80
CA MET B 21 -0.27 -8.45 -27.66
C MET B 21 0.55 -9.28 -26.68
N ASP B 22 1.84 -9.00 -26.54
CA ASP B 22 2.62 -9.69 -25.52
C ASP B 22 2.11 -9.38 -24.12
N PHE B 23 1.79 -8.11 -23.84
CA PHE B 23 1.27 -7.82 -22.51
C PHE B 23 -0.10 -8.43 -22.32
N PHE B 24 -0.95 -8.32 -23.34
CA PHE B 24 -2.29 -8.90 -23.30
C PHE B 24 -2.23 -10.40 -22.99
N ASN B 25 -1.39 -11.13 -23.73
CA ASN B 25 -1.29 -12.57 -23.53
C ASN B 25 -0.69 -12.91 -22.18
N SER B 26 0.35 -12.17 -21.77
CA SER B 26 1.06 -12.52 -20.54
C SER B 26 0.23 -12.19 -19.31
N VAL B 27 -0.48 -11.06 -19.31
CA VAL B 27 -1.19 -10.68 -18.10
C VAL B 27 -2.43 -11.55 -17.90
N ASP B 28 -2.96 -12.15 -18.96
CA ASP B 28 -4.00 -13.16 -18.84
C ASP B 28 -5.16 -12.66 -17.96
N ALA B 29 -5.67 -11.48 -18.28
CA ALA B 29 -6.76 -10.89 -17.51
C ALA B 29 -8.08 -11.59 -17.76
N ASP B 30 -8.92 -11.58 -16.72
CA ASP B 30 -10.31 -12.00 -16.88
C ASP B 30 -11.10 -10.99 -17.72
N VAL B 31 -10.84 -9.69 -17.53
CA VAL B 31 -11.38 -8.65 -18.38
C VAL B 31 -10.27 -7.66 -18.64
N PHE B 32 -10.10 -7.27 -19.90
CA PHE B 32 -9.06 -6.34 -20.34
C PHE B 32 -9.75 -5.26 -21.15
N CYS B 33 -9.69 -4.01 -20.67
CA CYS B 33 -10.35 -2.90 -21.34
C CYS B 33 -9.30 -1.97 -21.93
N ILE B 34 -9.62 -1.41 -23.10
CA ILE B 34 -8.73 -0.42 -23.71
C ILE B 34 -9.51 0.82 -24.07
N GLN B 35 -8.80 1.94 -24.11
CA GLN B 35 -9.32 3.23 -24.53
C GLN B 35 -8.38 3.79 -25.59
N GLU B 36 -8.94 4.62 -26.46
CA GLU B 36 -8.24 5.18 -27.63
C GLU B 36 -7.79 4.07 -28.58
N SER B 37 -8.73 3.20 -28.95
CA SER B 37 -8.42 2.26 -30.02
C SER B 37 -8.05 3.00 -31.31
N LYS B 38 -8.68 4.16 -31.54
CA LYS B 38 -8.49 4.96 -32.76
C LYS B 38 -8.76 4.16 -34.04
N MET B 39 -9.67 3.19 -34.00
CA MET B 39 -9.94 2.40 -35.19
C MET B 39 -11.37 1.88 -35.18
N GLN B 40 -11.84 1.45 -36.35
CA GLN B 40 -13.15 0.83 -36.48
C GLN B 40 -13.05 -0.68 -36.33
N GLN B 41 -14.08 -1.30 -35.76
CA GLN B 41 -14.03 -2.74 -35.58
C GLN B 41 -13.88 -3.47 -36.92
N GLU B 42 -14.56 -2.97 -37.95
CA GLU B 42 -14.50 -3.60 -39.28
C GLU B 42 -13.06 -3.73 -39.78
N GLN B 43 -12.18 -2.80 -39.43
CA GLN B 43 -10.79 -2.86 -39.87
C GLN B 43 -9.90 -3.61 -38.88
N ASN B 44 -10.48 -4.32 -37.92
CA ASN B 44 -9.65 -5.08 -36.99
C ASN B 44 -9.13 -6.34 -37.66
N THR B 45 -7.83 -6.58 -37.52
CA THR B 45 -7.16 -7.76 -38.04
C THR B 45 -6.66 -8.68 -36.93
N PHE B 46 -6.73 -8.23 -35.68
CA PHE B 46 -6.06 -8.90 -34.58
C PHE B 46 -6.95 -9.96 -33.93
N GLU B 47 -6.31 -10.97 -33.38
CA GLU B 47 -6.99 -12.07 -32.72
C GLU B 47 -6.73 -11.99 -31.22
N PHE B 48 -7.81 -12.05 -30.43
CA PHE B 48 -7.72 -11.98 -28.96
C PHE B 48 -8.25 -13.31 -28.43
N LYS B 49 -7.41 -14.32 -28.52
CA LYS B 49 -7.89 -15.69 -28.38
C LYS B 49 -8.40 -15.98 -26.97
N GLY B 50 -9.59 -16.55 -26.90
CA GLY B 50 -10.25 -16.86 -25.64
C GLY B 50 -11.16 -15.77 -25.10
N TYR B 51 -11.30 -14.65 -25.82
CA TYR B 51 -12.06 -13.50 -25.34
C TYR B 51 -13.25 -13.18 -26.24
N PHE B 52 -14.34 -12.75 -25.62
CA PHE B 52 -15.33 -11.96 -26.33
C PHE B 52 -14.79 -10.55 -26.45
N ASP B 53 -15.00 -9.91 -27.60
CA ASP B 53 -14.57 -8.53 -27.80
C ASP B 53 -15.76 -7.66 -28.19
N PHE B 54 -15.94 -6.54 -27.46
CA PHE B 54 -17.02 -5.59 -27.73
C PHE B 54 -16.42 -4.21 -27.97
N TRP B 55 -16.76 -3.61 -29.11
CA TRP B 55 -16.16 -2.37 -29.57
C TRP B 55 -17.19 -1.26 -29.54
N ASN B 56 -16.74 -0.05 -29.22
CA ASN B 56 -17.53 1.18 -29.36
C ASN B 56 -16.65 2.18 -30.09
N CYS B 57 -17.02 2.53 -31.31
CA CYS B 57 -16.16 3.36 -32.16
C CYS B 57 -16.80 4.73 -32.38
N ALA B 58 -15.96 5.76 -32.44
CA ALA B 58 -16.43 7.11 -32.65
C ALA B 58 -16.92 7.29 -34.08
N ILE B 59 -17.82 8.25 -34.28
CA ILE B 59 -18.20 8.63 -35.63
C ILE B 59 -17.02 9.24 -36.36
N LYS B 60 -16.28 10.11 -35.69
CA LYS B 60 -15.06 10.66 -36.28
C LYS B 60 -14.02 9.55 -36.45
N LYS B 61 -13.40 9.51 -37.63
CA LYS B 61 -12.44 8.45 -37.92
C LYS B 61 -11.12 8.70 -37.18
N GLY B 62 -10.49 7.60 -36.75
CA GLY B 62 -9.20 7.64 -36.08
C GLY B 62 -9.19 8.38 -34.76
N TYR B 63 -10.31 8.37 -34.05
CA TYR B 63 -10.49 9.17 -32.85
C TYR B 63 -11.18 8.36 -31.77
N SER B 64 -10.66 8.46 -30.55
CA SER B 64 -11.30 7.86 -29.38
C SER B 64 -11.51 6.36 -29.66
N GLY B 65 -12.60 5.79 -29.14
CA GLY B 65 -12.88 4.37 -29.29
C GLY B 65 -12.44 3.56 -28.09
N VAL B 66 -13.31 2.66 -27.62
CA VAL B 66 -12.97 1.78 -26.50
C VAL B 66 -13.36 0.36 -26.89
N VAL B 67 -12.72 -0.61 -26.25
CA VAL B 67 -13.00 -2.02 -26.48
C VAL B 67 -12.93 -2.73 -25.15
N THR B 68 -13.85 -3.66 -24.89
CA THR B 68 -13.78 -4.53 -23.72
C THR B 68 -13.59 -5.96 -24.20
N PHE B 69 -12.54 -6.61 -23.70
CA PHE B 69 -12.27 -8.02 -23.93
C PHE B 69 -12.58 -8.78 -22.64
N THR B 70 -13.44 -9.80 -22.70
CA THR B 70 -13.80 -10.53 -21.49
C THR B 70 -13.81 -12.02 -21.77
N LYS B 71 -13.22 -12.80 -20.84
CA LYS B 71 -13.28 -14.26 -20.97
C LYS B 71 -14.71 -14.78 -20.72
N LYS B 72 -15.35 -14.29 -19.67
CA LYS B 72 -16.71 -14.72 -19.36
C LYS B 72 -17.72 -13.95 -20.21
N GLU B 73 -18.74 -14.64 -20.67
CA GLU B 73 -19.80 -13.97 -21.43
C GLU B 73 -20.58 -13.04 -20.50
N PRO B 74 -20.79 -11.78 -20.88
CA PRO B 74 -21.66 -10.91 -20.07
C PRO B 74 -23.12 -11.36 -20.12
N LEU B 75 -23.86 -11.01 -19.06
CA LEU B 75 -25.31 -11.15 -19.07
C LEU B 75 -25.96 -10.15 -20.02
N SER B 76 -25.31 -8.99 -20.23
CA SER B 76 -25.81 -8.00 -21.16
C SER B 76 -24.66 -7.04 -21.43
N VAL B 77 -24.78 -6.30 -22.53
CA VAL B 77 -23.80 -5.26 -22.86
C VAL B 77 -24.57 -4.06 -23.38
N SER B 78 -24.20 -2.86 -22.91
CA SER B 78 -24.74 -1.64 -23.48
C SER B 78 -23.59 -0.73 -23.91
N TYR B 79 -23.94 0.31 -24.67
CA TYR B 79 -23.00 1.21 -25.30
C TYR B 79 -23.44 2.65 -25.01
N GLY B 80 -22.52 3.48 -24.54
CA GLY B 80 -22.85 4.86 -24.25
C GLY B 80 -23.66 5.00 -22.98
N ILE B 81 -24.18 6.21 -22.76
CA ILE B 81 -24.91 6.50 -21.52
C ILE B 81 -26.36 6.90 -21.81
N ASN B 82 -26.87 6.49 -22.97
CA ASN B 82 -28.25 6.71 -23.35
C ASN B 82 -28.58 8.20 -23.44
N MET B 83 -27.66 8.99 -24.00
CA MET B 83 -27.89 10.42 -24.30
C MET B 83 -27.18 10.77 -25.59
N GLU B 84 -27.96 11.11 -26.62
CA GLU B 84 -27.39 11.28 -27.96
C GLU B 84 -26.21 12.23 -27.96
N GLU B 85 -26.30 13.34 -27.22
CA GLU B 85 -25.24 14.33 -27.25
C GLU B 85 -23.90 13.72 -26.82
N HIS B 86 -23.93 12.74 -25.92
CA HIS B 86 -22.71 12.20 -25.34
C HIS B 86 -22.29 10.87 -25.93
N ASP B 87 -23.03 10.35 -26.91
CA ASP B 87 -22.82 9.00 -27.40
C ASP B 87 -22.25 8.95 -28.83
N LYS B 88 -21.54 10.01 -29.24
CA LYS B 88 -21.01 10.08 -30.59
C LYS B 88 -19.52 9.75 -30.69
N GLU B 89 -18.85 9.52 -29.57
CA GLU B 89 -17.38 9.51 -29.57
C GLU B 89 -16.80 8.18 -29.11
N GLY B 90 -17.60 7.12 -29.08
CA GLY B 90 -17.06 5.80 -28.78
C GLY B 90 -16.34 5.76 -27.44
N ARG B 91 -17.04 6.10 -26.36
CA ARG B 91 -16.39 6.32 -25.08
C ARG B 91 -16.79 5.36 -23.96
N VAL B 92 -17.93 4.70 -24.02
CA VAL B 92 -18.41 3.91 -22.88
C VAL B 92 -18.96 2.55 -23.35
N ILE B 93 -18.52 1.48 -22.68
CA ILE B 93 -19.13 0.16 -22.81
C ILE B 93 -19.39 -0.40 -21.41
N THR B 94 -20.60 -0.90 -21.18
CA THR B 94 -20.96 -1.47 -19.88
C THR B 94 -21.29 -2.95 -20.08
N CYS B 95 -20.51 -3.80 -19.45
CA CYS B 95 -20.75 -5.24 -19.45
C CYS B 95 -21.34 -5.63 -18.10
N GLU B 96 -22.47 -6.33 -18.12
CA GLU B 96 -23.08 -6.80 -16.89
C GLU B 96 -22.57 -8.20 -16.56
N PHE B 97 -22.03 -8.35 -15.35
CA PHE B 97 -21.68 -9.69 -14.88
C PHE B 97 -22.61 -10.06 -13.73
N GLU B 98 -22.39 -11.25 -13.14
CA GLU B 98 -23.34 -11.76 -12.17
C GLU B 98 -23.48 -10.82 -10.98
N SER B 99 -22.37 -10.31 -10.47
CA SER B 99 -22.42 -9.56 -9.23
C SER B 99 -22.03 -8.08 -9.38
N PHE B 100 -21.67 -7.63 -10.57
CA PHE B 100 -21.39 -6.21 -10.77
C PHE B 100 -21.48 -5.88 -12.25
N TYR B 101 -21.63 -4.59 -12.52
CA TYR B 101 -21.42 -4.04 -13.86
C TYR B 101 -19.98 -3.57 -13.99
N LEU B 102 -19.39 -3.77 -15.16
CA LEU B 102 -18.06 -3.26 -15.46
C LEU B 102 -18.19 -2.19 -16.54
N VAL B 103 -17.96 -0.93 -16.16
CA VAL B 103 -18.05 0.21 -17.06
C VAL B 103 -16.65 0.59 -17.53
N ASN B 104 -16.42 0.45 -18.84
CA ASN B 104 -15.17 0.85 -19.49
C ASN B 104 -15.39 2.24 -20.10
N VAL B 105 -14.58 3.24 -19.67
CA VAL B 105 -14.83 4.61 -20.07
C VAL B 105 -13.54 5.33 -20.47
N TYR B 106 -13.63 6.12 -21.53
CA TYR B 106 -12.61 7.09 -21.92
C TYR B 106 -13.25 8.48 -21.78
N THR B 107 -12.94 9.15 -20.69
CA THR B 107 -13.55 10.44 -20.37
C THR B 107 -13.10 11.52 -21.35
N PRO B 108 -13.98 12.41 -21.78
CA PRO B 108 -13.57 13.50 -22.67
C PRO B 108 -12.49 14.37 -22.03
N ASN B 109 -11.41 14.58 -22.77
CA ASN B 109 -10.37 15.51 -22.35
C ASN B 109 -10.88 16.95 -22.41
N SER B 110 -10.49 17.77 -21.42
CA SER B 110 -10.90 19.18 -21.46
C SER B 110 -10.10 20.01 -22.46
N GLN B 111 -9.04 19.46 -23.04
CA GLN B 111 -8.29 20.06 -24.14
C GLN B 111 -7.41 21.24 -23.70
N GLN B 112 -6.47 21.64 -24.56
CA GLN B 112 -5.57 22.72 -24.22
C GLN B 112 -6.36 23.97 -23.86
N ALA B 113 -5.89 24.69 -22.83
CA ALA B 113 -6.55 25.90 -22.33
C ALA B 113 -7.96 25.62 -21.85
N LEU B 114 -8.26 24.37 -21.50
CA LEU B 114 -9.58 24.00 -20.97
C LEU B 114 -10.70 24.43 -21.91
N SER B 115 -10.45 24.39 -23.21
CA SER B 115 -11.46 24.89 -24.14
C SER B 115 -12.72 24.05 -24.13
N ARG B 116 -12.62 22.78 -23.75
CA ARG B 116 -13.79 21.90 -23.74
C ARG B 116 -14.30 21.65 -22.32
N LEU B 117 -13.94 22.51 -21.37
CA LEU B 117 -14.29 22.29 -19.97
C LEU B 117 -15.80 22.28 -19.77
N SER B 118 -16.52 23.18 -20.43
CA SER B 118 -17.95 23.25 -20.21
C SER B 118 -18.63 21.94 -20.62
N TYR B 119 -18.27 21.41 -21.79
CA TYR B 119 -18.79 20.12 -22.21
C TYR B 119 -18.39 19.02 -21.23
N ARG B 120 -17.13 19.01 -20.79
CA ARG B 120 -16.68 18.02 -19.82
C ARG B 120 -17.52 18.07 -18.55
N MET B 121 -17.87 19.26 -18.08
CA MET B 121 -18.73 19.35 -16.90
C MET B 121 -20.09 18.71 -17.15
N SER B 122 -20.69 18.96 -18.32
CA SER B 122 -21.97 18.31 -18.61
C SER B 122 -21.80 16.79 -18.73
N TRP B 123 -20.69 16.35 -19.33
CA TRP B 123 -20.37 14.91 -19.32
C TRP B 123 -20.35 14.34 -17.91
N GLU B 124 -19.65 15.01 -16.99
CA GLU B 124 -19.54 14.48 -15.63
C GLU B 124 -20.92 14.36 -14.98
N VAL B 125 -21.78 15.37 -15.20
CA VAL B 125 -23.11 15.34 -14.60
C VAL B 125 -23.90 14.12 -15.07
N GLU B 126 -23.90 13.87 -16.37
CA GLU B 126 -24.69 12.76 -16.91
C GLU B 126 -24.04 11.42 -16.63
N PHE B 127 -22.70 11.36 -16.65
CA PHE B 127 -22.04 10.11 -16.35
C PHE B 127 -22.36 9.66 -14.93
N LYS B 128 -22.36 10.58 -13.96
CA LYS B 128 -22.67 10.19 -12.58
C LYS B 128 -24.09 9.65 -12.48
N LYS B 129 -25.05 10.31 -13.14
CA LYS B 129 -26.42 9.83 -13.16
C LYS B 129 -26.52 8.44 -13.79
N PHE B 130 -25.80 8.22 -14.90
CA PHE B 130 -25.76 6.91 -15.54
C PHE B 130 -25.27 5.83 -14.57
N LEU B 131 -24.17 6.13 -13.85
CA LEU B 131 -23.63 5.16 -12.90
C LEU B 131 -24.61 4.87 -11.78
N LYS B 132 -25.25 5.92 -11.25
CA LYS B 132 -26.18 5.70 -10.14
C LYS B 132 -27.33 4.81 -10.57
N ALA B 133 -27.83 4.98 -11.80
CA ALA B 133 -28.91 4.13 -12.27
C ALA B 133 -28.48 2.66 -12.31
N LEU B 134 -27.26 2.38 -12.78
CA LEU B 134 -26.76 1.00 -12.75
C LEU B 134 -26.66 0.50 -11.31
N GLU B 135 -26.15 1.35 -10.41
CA GLU B 135 -25.92 0.91 -9.04
C GLU B 135 -27.19 0.51 -8.31
N LEU B 136 -28.37 0.98 -8.75
CA LEU B 136 -29.62 0.53 -8.14
C LEU B 136 -29.79 -0.98 -8.24
N LYS B 137 -29.27 -1.59 -9.31
CA LYS B 137 -29.46 -3.02 -9.55
C LYS B 137 -28.30 -3.85 -9.03
N LYS B 138 -27.08 -3.42 -9.30
CA LYS B 138 -25.86 -4.13 -8.92
C LYS B 138 -24.77 -3.11 -8.69
N PRO B 139 -23.81 -3.41 -7.83
CA PRO B 139 -22.64 -2.54 -7.72
C PRO B 139 -21.89 -2.43 -9.05
N VAL B 140 -21.07 -1.40 -9.14
CA VAL B 140 -20.42 -1.02 -10.39
C VAL B 140 -18.91 -0.95 -10.17
N ILE B 141 -18.15 -1.46 -11.13
CA ILE B 141 -16.72 -1.20 -11.24
C ILE B 141 -16.53 -0.34 -12.48
N VAL B 142 -15.88 0.82 -12.33
CA VAL B 142 -15.56 1.70 -13.45
C VAL B 142 -14.07 1.59 -13.70
N CYS B 143 -13.66 1.44 -14.95
CA CYS B 143 -12.24 1.51 -15.23
C CYS B 143 -12.00 2.32 -16.50
N GLY B 144 -10.87 3.00 -16.53
CA GLY B 144 -10.47 3.65 -17.75
C GLY B 144 -9.66 4.89 -17.46
N ASP B 145 -9.55 5.70 -18.51
CA ASP B 145 -8.81 6.97 -18.45
C ASP B 145 -9.83 8.04 -18.13
N LEU B 146 -9.81 8.55 -16.90
CA LEU B 146 -10.81 9.50 -16.44
C LEU B 146 -10.37 10.94 -16.60
N ASN B 147 -9.15 11.16 -17.12
CA ASN B 147 -8.69 12.51 -17.47
C ASN B 147 -8.86 13.47 -16.30
N VAL B 148 -8.50 13.00 -15.12
CA VAL B 148 -8.47 13.84 -13.93
C VAL B 148 -7.45 13.23 -12.98
N ALA B 149 -6.59 14.08 -12.42
CA ALA B 149 -5.73 13.73 -11.30
C ALA B 149 -6.36 14.31 -10.05
N HIS B 150 -6.56 13.50 -9.03
CA HIS B 150 -7.47 13.91 -7.97
C HIS B 150 -6.83 14.97 -7.08
N ASN B 151 -5.70 14.66 -6.45
CA ASN B 151 -5.06 15.57 -5.49
C ASN B 151 -3.59 15.75 -5.83
N GLU B 152 -2.92 16.61 -5.07
CA GLU B 152 -1.54 16.94 -5.41
C GLU B 152 -0.64 15.72 -5.41
N ILE B 153 -0.95 14.69 -4.61
CA ILE B 153 -0.15 13.46 -4.64
C ILE B 153 -0.22 12.77 -5.99
N ASP B 154 -1.23 13.07 -6.80
CA ASP B 154 -1.50 12.33 -8.02
C ASP B 154 -0.79 12.89 -9.26
N LEU B 155 0.05 13.92 -9.12
CA LEU B 155 0.86 14.32 -10.27
C LEU B 155 2.15 14.97 -9.78
N GLU B 156 3.14 14.99 -10.67
CA GLU B 156 4.47 15.40 -10.25
C GLU B 156 4.54 16.90 -9.95
N ASN B 157 3.86 17.73 -10.74
CA ASN B 157 3.99 19.18 -10.61
C ASN B 157 2.63 19.85 -10.45
N PRO B 158 1.98 19.68 -9.30
CA PRO B 158 0.64 20.28 -9.16
C PRO B 158 0.62 21.78 -9.33
N LYS B 159 1.66 22.46 -8.85
CA LYS B 159 1.65 23.92 -8.79
CA LYS B 159 1.62 23.92 -8.79
C LYS B 159 1.54 24.55 -10.17
N THR B 160 2.03 23.87 -11.21
CA THR B 160 2.01 24.44 -12.55
C THR B 160 0.87 23.94 -13.42
N ASN B 161 0.00 23.07 -12.90
CA ASN B 161 -0.97 22.41 -13.77
C ASN B 161 -2.43 22.69 -13.42
N ARG B 162 -2.71 23.70 -12.58
CA ARG B 162 -4.10 23.88 -12.17
C ARG B 162 -4.98 24.49 -13.25
N LYS B 163 -4.40 24.94 -14.37
CA LYS B 163 -5.17 25.39 -15.52
C LYS B 163 -4.95 24.49 -16.72
N ASN B 164 -4.38 23.31 -16.52
CA ASN B 164 -4.25 22.34 -17.60
C ASN B 164 -5.31 21.26 -17.45
N ALA B 165 -5.70 20.69 -18.58
CA ALA B 165 -6.73 19.66 -18.59
C ALA B 165 -6.34 18.52 -17.66
N GLY B 166 -7.28 18.16 -16.78
CA GLY B 166 -7.11 17.06 -15.84
C GLY B 166 -6.77 17.49 -14.44
N PHE B 167 -6.38 18.75 -14.22
CA PHE B 167 -6.10 19.18 -12.86
C PHE B 167 -6.75 20.53 -12.52
N SER B 168 -7.77 20.93 -13.27
CA SER B 168 -8.53 22.12 -12.90
C SER B 168 -9.35 21.85 -11.64
N ASP B 169 -9.58 22.90 -10.84
CA ASP B 169 -10.46 22.74 -9.69
C ASP B 169 -11.81 22.14 -10.10
N GLU B 170 -12.33 22.56 -11.27
CA GLU B 170 -13.62 22.08 -11.75
C GLU B 170 -13.61 20.57 -11.96
N GLU B 171 -12.56 20.05 -12.62
CA GLU B 171 -12.50 18.61 -12.85
C GLU B 171 -12.25 17.84 -11.55
N ARG B 172 -11.34 18.35 -10.71
CA ARG B 172 -11.09 17.68 -9.44
C ARG B 172 -12.37 17.60 -8.62
N GLU B 173 -13.17 18.67 -8.63
CA GLU B 173 -14.40 18.68 -7.85
C GLU B 173 -15.36 17.60 -8.31
N LYS B 174 -15.53 17.44 -9.63
CA LYS B 174 -16.41 16.38 -10.12
C LYS B 174 -15.92 15.01 -9.69
N PHE B 175 -14.59 14.81 -9.68
CA PHE B 175 -14.09 13.52 -9.23
C PHE B 175 -14.35 13.32 -7.73
N SER B 176 -14.08 14.35 -6.91
CA SER B 176 -14.42 14.25 -5.50
C SER B 176 -15.90 13.92 -5.30
N GLU B 177 -16.77 14.55 -6.09
CA GLU B 177 -18.20 14.31 -5.94
C GLU B 177 -18.55 12.88 -6.31
N LEU B 178 -17.80 12.29 -7.25
CA LEU B 178 -18.04 10.89 -7.57
C LEU B 178 -17.66 9.99 -6.39
N LEU B 179 -16.53 10.28 -5.73
CA LEU B 179 -16.18 9.51 -4.54
C LEU B 179 -17.17 9.77 -3.41
N ASN B 180 -17.60 11.03 -3.25
CA ASN B 180 -18.61 11.32 -2.23
C ASN B 180 -19.92 10.59 -2.49
N ALA B 181 -20.19 10.18 -3.73
CA ALA B 181 -21.38 9.41 -4.05
C ALA B 181 -21.21 7.94 -3.69
N GLY B 182 -20.07 7.56 -3.15
CA GLY B 182 -19.83 6.22 -2.67
C GLY B 182 -18.79 5.45 -3.44
N PHE B 183 -18.18 6.03 -4.47
CA PHE B 183 -17.20 5.23 -5.20
C PHE B 183 -15.86 5.26 -4.49
N ILE B 184 -15.14 4.16 -4.61
CA ILE B 184 -13.82 4.01 -4.01
C ILE B 184 -12.78 4.09 -5.11
N ASP B 185 -11.78 4.95 -4.91
CA ASP B 185 -10.62 5.01 -5.78
C ASP B 185 -9.72 3.86 -5.36
N THR B 186 -9.77 2.73 -6.10
CA THR B 186 -9.22 1.50 -5.54
C THR B 186 -7.73 1.62 -5.28
N PHE B 187 -6.99 2.30 -6.16
CA PHE B 187 -5.55 2.42 -5.90
C PHE B 187 -5.28 3.14 -4.58
N ARG B 188 -6.06 4.18 -4.28
CA ARG B 188 -5.86 4.90 -3.04
C ARG B 188 -6.46 4.17 -1.84
N TYR B 189 -7.37 3.23 -2.09
CA TYR B 189 -7.83 2.36 -1.00
C TYR B 189 -6.66 1.56 -0.42
N PHE B 190 -5.82 1.01 -1.29
CA PHE B 190 -4.68 0.21 -0.85
C PHE B 190 -3.41 1.03 -0.61
N TYR B 191 -3.22 2.15 -1.32
CA TYR B 191 -1.98 2.90 -1.31
C TYR B 191 -2.30 4.39 -1.15
N PRO B 192 -2.98 4.76 -0.08
CA PRO B 192 -3.44 6.15 0.04
C PRO B 192 -2.32 7.18 0.05
N ASN B 193 -1.14 6.83 0.55
CA ASN B 193 -0.03 7.78 0.68
C ASN B 193 1.16 7.48 -0.23
N LYS B 194 1.00 6.62 -1.22
CA LYS B 194 2.11 6.27 -2.09
C LYS B 194 2.33 7.40 -3.10
N GLU B 195 3.48 8.06 -3.02
CA GLU B 195 3.81 9.12 -3.97
C GLU B 195 4.43 8.54 -5.25
N LYS B 196 4.46 9.37 -6.29
CA LYS B 196 5.15 9.05 -7.53
C LYS B 196 4.54 7.88 -8.26
N ALA B 197 3.28 7.59 -8.01
CA ALA B 197 2.54 6.53 -8.68
C ALA B 197 1.72 7.20 -9.78
N TYR B 198 2.19 7.11 -11.02
CA TYR B 198 1.55 7.79 -12.15
C TYR B 198 1.19 6.78 -13.23
N THR B 199 0.25 7.18 -14.11
CA THR B 199 -0.16 6.32 -15.22
C THR B 199 -0.04 7.00 -16.58
N TRP B 200 0.41 8.25 -16.64
CA TRP B 200 0.52 8.99 -17.89
C TRP B 200 1.74 9.90 -17.81
N TRP B 201 2.48 10.02 -18.91
CA TRP B 201 3.62 10.92 -18.99
C TRP B 201 3.52 11.69 -20.31
N SER B 202 3.69 13.01 -20.23
CA SER B 202 3.63 13.86 -21.42
C SER B 202 4.83 13.58 -22.33
N TYR B 203 4.85 14.24 -23.48
CA TYR B 203 5.97 14.12 -24.40
C TYR B 203 7.09 15.12 -24.11
N MET B 204 7.04 15.79 -22.97
CA MET B 204 8.20 16.55 -22.51
C MET B 204 9.45 15.67 -22.49
N GLN B 205 10.62 16.26 -22.77
CA GLN B 205 11.83 15.45 -22.92
C GLN B 205 12.06 14.55 -21.72
N GLN B 206 12.23 13.25 -21.97
CA GLN B 206 12.54 12.24 -20.95
C GLN B 206 11.52 12.20 -19.82
N ALA B 207 10.29 12.67 -20.05
CA ALA B 207 9.32 12.74 -18.96
C ALA B 207 9.14 11.38 -18.30
N ARG B 208 8.96 10.33 -19.10
CA ARG B 208 8.69 9.03 -18.50
C ARG B 208 9.91 8.48 -17.78
N ASP B 209 11.10 8.63 -18.38
CA ASP B 209 12.33 8.21 -17.70
C ASP B 209 12.50 8.92 -16.36
N LYS B 210 12.18 10.20 -16.30
CA LYS B 210 12.26 10.93 -15.05
C LYS B 210 11.03 10.78 -14.18
N ASN B 211 10.04 9.99 -14.62
CA ASN B 211 8.78 9.80 -13.91
C ASN B 211 8.10 11.12 -13.60
N ILE B 212 8.10 12.03 -14.58
CA ILE B 212 7.30 13.25 -14.46
C ILE B 212 5.95 12.92 -15.08
N GLY B 213 4.99 12.51 -14.24
CA GLY B 213 3.74 11.97 -14.73
C GLY B 213 2.55 12.38 -13.90
N TRP B 214 1.38 11.89 -14.32
CA TRP B 214 0.11 12.06 -13.60
C TRP B 214 -0.56 10.70 -13.45
N ARG B 215 -1.36 10.55 -12.39
CA ARG B 215 -2.24 9.39 -12.26
C ARG B 215 -3.63 9.81 -12.73
N ILE B 216 -4.03 9.36 -13.92
CA ILE B 216 -5.33 9.74 -14.47
C ILE B 216 -6.09 8.50 -14.94
N ASP B 217 -5.55 7.31 -14.70
CA ASP B 217 -6.21 6.05 -15.04
C ASP B 217 -6.59 5.32 -13.75
N TYR B 218 -7.78 4.71 -13.73
CA TYR B 218 -8.36 4.26 -12.47
C TYR B 218 -9.13 2.95 -12.60
N PHE B 219 -9.31 2.30 -11.45
CA PHE B 219 -10.45 1.43 -11.19
C PHE B 219 -11.20 2.06 -10.03
N LEU B 220 -12.48 2.35 -10.22
CA LEU B 220 -13.35 2.76 -9.13
C LEU B 220 -14.32 1.63 -8.86
N CYS B 221 -14.80 1.51 -7.61
CA CYS B 221 -15.86 0.53 -7.37
C CYS B 221 -16.89 1.08 -6.39
N SER B 222 -18.14 0.67 -6.58
CA SER B 222 -19.15 0.98 -5.59
C SER B 222 -18.67 0.57 -4.20
N ASN B 223 -19.03 1.35 -3.19
CA ASN B 223 -18.53 1.13 -1.84
C ASN B 223 -18.69 -0.31 -1.37
N PRO B 224 -19.81 -0.98 -1.56
CA PRO B 224 -19.96 -2.34 -1.01
C PRO B 224 -18.99 -3.34 -1.61
N LEU B 225 -18.36 -3.03 -2.75
CA LEU B 225 -17.38 -3.97 -3.30
C LEU B 225 -16.02 -3.92 -2.60
N LYS B 226 -15.75 -2.92 -1.75
CA LYS B 226 -14.39 -2.75 -1.25
C LYS B 226 -13.91 -3.99 -0.50
N THR B 227 -14.80 -4.67 0.22
CA THR B 227 -14.39 -5.83 1.00
C THR B 227 -14.04 -7.05 0.15
N ARG B 228 -14.31 -7.01 -1.16
CA ARG B 228 -13.90 -8.08 -2.06
C ARG B 228 -12.54 -7.82 -2.72
N LEU B 229 -12.02 -6.60 -2.59
CA LEU B 229 -10.79 -6.23 -3.29
C LEU B 229 -9.58 -6.92 -2.70
N LYS B 230 -8.66 -7.34 -3.57
CA LYS B 230 -7.39 -7.91 -3.15
C LYS B 230 -6.19 -7.01 -3.39
N ASP B 231 -6.15 -6.30 -4.51
CA ASP B 231 -5.03 -5.40 -4.81
C ASP B 231 -5.43 -4.46 -5.94
N ALA B 232 -4.68 -3.37 -6.06
CA ALA B 232 -4.86 -2.39 -7.13
C ALA B 232 -3.48 -2.16 -7.73
N LEU B 233 -3.37 -2.17 -9.04
CA LEU B 233 -2.09 -2.25 -9.73
C LEU B 233 -1.90 -1.07 -10.67
N ILE B 234 -0.64 -0.67 -10.82
CA ILE B 234 -0.19 0.24 -11.88
C ILE B 234 1.00 -0.46 -12.55
N TYR B 235 0.84 -0.82 -13.82
CA TYR B 235 1.90 -1.56 -14.54
C TYR B 235 2.89 -0.55 -15.14
N LYS B 236 3.61 0.12 -14.25
CA LYS B 236 4.43 1.27 -14.66
C LYS B 236 5.53 0.93 -15.67
N ASP B 237 5.93 -0.33 -15.75
CA ASP B 237 7.04 -0.71 -16.63
C ASP B 237 6.57 -1.19 -18.00
N ILE B 238 5.27 -1.24 -18.25
CA ILE B 238 4.76 -1.68 -19.55
C ILE B 238 4.75 -0.48 -20.48
N LEU B 239 5.51 -0.57 -21.57
CA LEU B 239 5.63 0.52 -22.53
C LEU B 239 4.63 0.32 -23.68
N GLY B 240 4.65 1.22 -24.66
CA GLY B 240 3.85 1.08 -25.86
C GLY B 240 2.79 2.14 -26.02
N SER B 241 2.61 3.00 -25.01
CA SER B 241 1.65 4.08 -25.05
C SER B 241 2.16 5.22 -24.18
N ASP B 242 1.49 6.37 -24.25
CA ASP B 242 1.82 7.40 -23.27
C ASP B 242 1.18 7.16 -21.90
N HIS B 243 0.22 6.24 -21.80
CA HIS B 243 -0.30 5.73 -20.54
C HIS B 243 0.27 4.35 -20.28
N CYS B 244 0.32 3.95 -19.01
CA CYS B 244 0.56 2.55 -18.68
C CYS B 244 -0.73 1.87 -18.21
N PRO B 245 -0.77 0.53 -18.21
CA PRO B 245 -1.98 -0.16 -17.76
C PRO B 245 -2.17 -0.01 -16.26
N VAL B 246 -3.43 -0.14 -15.83
CA VAL B 246 -3.80 -0.26 -14.42
C VAL B 246 -4.60 -1.55 -14.26
N GLY B 247 -4.72 -2.00 -13.01
CA GLY B 247 -5.38 -3.27 -12.79
C GLY B 247 -6.08 -3.33 -11.45
N LEU B 248 -6.95 -4.34 -11.32
CA LEU B 248 -7.66 -4.57 -10.07
C LEU B 248 -7.81 -6.06 -9.90
N GLU B 249 -7.52 -6.55 -8.70
CA GLU B 249 -7.73 -7.96 -8.34
C GLU B 249 -8.76 -8.02 -7.22
N LEU B 250 -9.69 -8.96 -7.36
CA LEU B 250 -10.74 -9.10 -6.36
C LEU B 250 -11.22 -10.55 -6.38
N VAL B 251 -11.91 -10.92 -5.31
CA VAL B 251 -12.56 -12.23 -5.26
C VAL B 251 -14.07 -12.06 -5.19
#